data_4UEU
#
_entry.id   4UEU
#
_cell.length_a   128.487
_cell.length_b   128.487
_cell.length_c   52.806
_cell.angle_alpha   90.00
_cell.angle_beta   90.00
_cell.angle_gamma   120.00
#
_symmetry.space_group_name_H-M   'P 62'
#
loop_
_entity.id
_entity.type
_entity.pdbx_description
1 polymer 'TYROSINE KINASE AS - A COMMON ANCESTOR OF SRC AND ABL'
2 non-polymer 'PHOSPHOMETHYLPHOSPHONIC ACID ADENYLATE ESTER'
#
_entity_poly.entity_id   1
_entity_poly.type   'polypeptide(L)'
_entity_poly.pdbx_seq_one_letter_code
;GPHDKWEIPRSEITLERKLGSGQFGEVYEGKWRNYNIEVAVKTLKEGTMSVEEFLQEAQIMKKLKHPNLVQLYGVCTKEP
PIYIITEYMSHGSLLDYLRDCEGHTVNAQALLDMAAQVASGMAYLESQNFIHRDLAARNCLVGENNVVKVADFGLARLIN
EDEYTARAGAKFPIKWTAPEAISYNRFSIKSDVWAFGILLWEIFTYGQVPYPGMSGSEVIEQVERGYRMPRPQGCPEEIY
ELMLQCWNKSPEERPTFAETLHALETMFLPETGGG
;
_entity_poly.pdbx_strand_id   A
#
loop_
_chem_comp.id
_chem_comp.type
_chem_comp.name
_chem_comp.formula
ACP non-polymer 'PHOSPHOMETHYLPHOSPHONIC ACID ADENYLATE ESTER' 'C11 H18 N5 O12 P3'
#
# COMPACT_ATOMS: atom_id res chain seq x y z
N HIS A 3 8.75 -24.29 -10.35
CA HIS A 3 9.30 -24.81 -11.64
C HIS A 3 9.67 -23.72 -12.66
N ASP A 4 9.11 -22.50 -12.54
CA ASP A 4 8.93 -21.53 -13.66
C ASP A 4 10.00 -20.42 -13.96
N LYS A 5 9.64 -19.50 -14.86
CA LYS A 5 10.54 -18.51 -15.51
C LYS A 5 11.01 -17.32 -14.64
N TRP A 6 10.33 -17.06 -13.53
CA TRP A 6 10.79 -16.04 -12.58
C TRP A 6 11.70 -16.65 -11.54
N GLU A 7 12.04 -17.91 -11.72
CA GLU A 7 12.81 -18.60 -10.73
C GLU A 7 14.22 -18.03 -10.79
N ILE A 8 14.68 -17.54 -9.64
CA ILE A 8 16.07 -17.14 -9.44
C ILE A 8 16.81 -18.11 -8.52
N PRO A 9 17.97 -18.62 -8.95
CA PRO A 9 18.88 -19.41 -8.10
C PRO A 9 19.30 -18.72 -6.82
N ARG A 10 19.42 -19.50 -5.76
CA ARG A 10 19.61 -18.92 -4.44
C ARG A 10 21.06 -18.45 -4.27
N SER A 11 21.99 -19.14 -4.95
CA SER A 11 23.41 -18.74 -4.95
C SER A 11 23.58 -17.26 -5.31
N GLU A 12 22.74 -16.80 -6.24
CA GLU A 12 22.79 -15.43 -6.76
C GLU A 12 22.38 -14.31 -5.80
N ILE A 13 21.76 -14.64 -4.69
CA ILE A 13 21.34 -13.59 -3.78
C ILE A 13 22.13 -13.75 -2.54
N THR A 14 22.60 -12.64 -2.01
CA THR A 14 23.29 -12.64 -0.76
C THR A 14 22.32 -12.41 0.35
N LEU A 15 22.07 -11.16 0.73
CA LEU A 15 21.35 -10.90 2.00
C LEU A 15 22.30 -10.30 3.02
N GLU A 16 22.04 -9.07 3.36
CA GLU A 16 23.02 -8.25 4.00
C GLU A 16 22.51 -7.70 5.31
N ARG A 17 21.22 -7.39 5.39
CA ARG A 17 20.69 -6.97 6.66
C ARG A 17 19.19 -7.08 6.76
N LYS A 18 18.75 -6.99 8.02
CA LYS A 18 17.37 -7.24 8.40
C LYS A 18 16.63 -5.92 8.32
N LEU A 19 15.38 -5.97 7.87
CA LEU A 19 14.53 -4.78 7.86
C LEU A 19 13.24 -5.02 8.62
N GLY A 20 12.68 -6.24 8.52
CA GLY A 20 11.34 -6.56 9.04
C GLY A 20 11.22 -7.65 10.10
N SER A 21 10.05 -7.67 10.75
CA SER A 21 9.75 -8.55 11.90
C SER A 21 9.54 -10.02 11.46
N GLY A 22 9.09 -10.88 12.38
CA GLY A 22 9.00 -12.33 12.12
C GLY A 22 7.63 -12.97 12.05
N GLN A 23 6.58 -12.17 11.85
CA GLN A 23 5.20 -12.69 11.75
C GLN A 23 5.00 -13.47 10.44
N PHE A 24 5.31 -14.77 10.46
CA PHE A 24 5.26 -15.63 9.26
C PHE A 24 6.52 -15.51 8.36
N GLY A 25 7.37 -14.52 8.66
CA GLY A 25 8.67 -14.35 7.99
C GLY A 25 9.10 -12.90 7.89
N GLU A 26 10.40 -12.69 7.91
CA GLU A 26 10.97 -11.33 7.90
C GLU A 26 11.24 -10.82 6.49
N VAL A 27 11.89 -9.66 6.39
CA VAL A 27 12.26 -9.08 5.09
C VAL A 27 13.75 -9.17 4.69
N TYR A 28 14.64 -8.33 5.22
CA TYR A 28 16.03 -8.26 4.68
C TYR A 28 16.23 -7.50 3.36
N GLU A 29 17.17 -6.56 3.40
CA GLU A 29 17.85 -6.06 2.22
C GLU A 29 18.86 -7.09 1.80
N GLY A 30 19.02 -7.28 0.50
CA GLY A 30 20.06 -8.17 -0.02
C GLY A 30 20.72 -7.54 -1.23
N LYS A 31 21.43 -8.37 -1.99
CA LYS A 31 22.12 -7.92 -3.18
C LYS A 31 22.07 -9.01 -4.18
N TRP A 32 21.76 -8.64 -5.43
CA TRP A 32 21.69 -9.62 -6.48
C TRP A 32 23.01 -9.55 -7.21
N ARG A 33 23.81 -10.60 -7.05
CA ARG A 33 25.23 -10.53 -7.38
C ARG A 33 25.42 -10.29 -8.88
N ASN A 34 24.55 -10.93 -9.66
CA ASN A 34 24.62 -10.92 -11.11
C ASN A 34 24.20 -9.60 -11.80
N TYR A 35 23.86 -8.56 -11.06
CA TYR A 35 23.71 -7.21 -11.63
C TYR A 35 24.13 -6.16 -10.65
N ASN A 36 24.55 -6.58 -9.46
CA ASN A 36 24.99 -5.65 -8.45
C ASN A 36 23.97 -4.60 -8.15
N ILE A 37 22.76 -5.07 -7.89
CA ILE A 37 21.64 -4.20 -7.53
C ILE A 37 21.11 -4.65 -6.17
N GLU A 38 20.63 -3.70 -5.37
CA GLU A 38 20.01 -4.05 -4.09
C GLU A 38 18.59 -4.59 -4.30
N VAL A 39 18.16 -5.41 -3.36
CA VAL A 39 16.85 -6.01 -3.45
C VAL A 39 16.26 -6.12 -2.08
N ALA A 40 14.94 -6.26 -2.07
CA ALA A 40 14.22 -6.67 -0.90
C ALA A 40 13.88 -8.09 -1.07
N VAL A 41 14.24 -8.91 -0.10
CA VAL A 41 13.92 -10.32 -0.13
C VAL A 41 12.87 -10.54 0.94
N LYS A 42 11.69 -11.02 0.58
CA LYS A 42 10.73 -11.41 1.60
C LYS A 42 10.90 -12.88 1.81
N THR A 43 10.85 -13.29 3.06
CA THR A 43 11.10 -14.67 3.41
C THR A 43 9.96 -15.25 4.24
N LEU A 44 9.86 -16.59 4.22
CA LEU A 44 8.79 -17.37 4.88
C LEU A 44 9.27 -18.26 6.07
N LYS A 45 8.82 -17.91 7.28
CA LYS A 45 8.99 -18.75 8.46
C LYS A 45 8.28 -20.08 8.21
N GLU A 46 8.97 -21.17 8.46
CA GLU A 46 8.73 -22.42 7.72
C GLU A 46 7.55 -23.28 8.15
N GLY A 47 7.07 -23.11 9.39
CA GLY A 47 5.82 -23.77 9.81
C GLY A 47 4.62 -22.85 9.72
N THR A 48 4.27 -22.35 8.55
CA THR A 48 3.19 -21.39 8.43
C THR A 48 2.73 -21.21 7.00
N MET A 49 1.65 -20.45 6.81
CA MET A 49 1.16 -20.09 5.48
C MET A 49 0.87 -21.25 4.54
N SER A 50 1.94 -21.90 4.11
CA SER A 50 1.97 -22.69 2.87
C SER A 50 2.52 -21.81 1.74
N VAL A 51 3.41 -22.39 0.96
CA VAL A 51 3.91 -21.82 -0.28
C VAL A 51 2.77 -21.07 -1.01
N GLU A 52 1.75 -21.79 -1.47
CA GLU A 52 0.64 -21.19 -2.19
C GLU A 52 0.21 -19.85 -1.61
N GLU A 53 -0.03 -19.83 -0.31
CA GLU A 53 -0.52 -18.62 0.32
C GLU A 53 0.53 -17.49 0.38
N PHE A 54 1.80 -17.82 0.29
CA PHE A 54 2.86 -16.82 0.37
C PHE A 54 3.04 -16.16 -1.00
N LEU A 55 3.05 -17.02 -2.02
CA LEU A 55 3.31 -16.64 -3.39
C LEU A 55 2.18 -15.95 -4.15
N GLN A 56 0.93 -16.08 -3.75
CA GLN A 56 -0.09 -15.37 -4.53
C GLN A 56 0.28 -13.87 -4.61
N GLU A 57 0.93 -13.35 -3.59
CA GLU A 57 1.44 -11.99 -3.67
C GLU A 57 2.35 -11.81 -4.89
N ALA A 58 3.26 -12.76 -5.10
CA ALA A 58 4.06 -12.79 -6.32
C ALA A 58 3.23 -12.95 -7.57
N GLN A 59 2.35 -13.95 -7.57
CA GLN A 59 1.58 -14.28 -8.75
C GLN A 59 0.84 -13.07 -9.31
N ILE A 60 0.57 -12.13 -8.43
CA ILE A 60 -0.16 -10.91 -8.78
C ILE A 60 0.80 -9.93 -9.41
N MET A 61 1.91 -9.68 -8.73
CA MET A 61 3.00 -8.84 -9.25
C MET A 61 3.50 -9.33 -10.61
N LYS A 62 3.64 -10.64 -10.82
CA LYS A 62 4.01 -11.14 -12.14
C LYS A 62 3.20 -10.46 -13.26
N LYS A 63 1.96 -10.07 -12.97
CA LYS A 63 1.04 -9.61 -14.00
C LYS A 63 0.94 -8.08 -14.04
N LEU A 64 1.92 -7.40 -13.46
CA LEU A 64 1.84 -5.95 -13.34
C LEU A 64 3.11 -5.27 -13.77
N LYS A 65 2.97 -4.14 -14.47
CA LYS A 65 4.09 -3.28 -14.77
C LYS A 65 3.63 -1.84 -14.69
N HIS A 66 4.27 -1.05 -13.84
CA HIS A 66 3.88 0.34 -13.70
C HIS A 66 4.82 1.07 -12.74
N PRO A 67 5.14 2.35 -13.04
CA PRO A 67 6.16 3.11 -12.31
C PRO A 67 5.88 3.40 -10.84
N ASN A 68 4.67 3.13 -10.38
CA ASN A 68 4.29 3.25 -8.96
C ASN A 68 3.75 1.92 -8.39
N LEU A 69 4.28 0.81 -8.89
CA LEU A 69 3.99 -0.47 -8.35
C LEU A 69 5.32 -1.19 -8.24
N VAL A 70 5.76 -1.30 -6.98
CA VAL A 70 6.94 -2.03 -6.59
C VAL A 70 7.06 -3.29 -7.45
N GLN A 71 8.28 -3.58 -7.87
CA GLN A 71 8.48 -4.44 -9.00
C GLN A 71 9.00 -5.77 -8.50
N LEU A 72 8.42 -6.83 -9.00
CA LEU A 72 8.89 -8.14 -8.64
C LEU A 72 10.12 -8.45 -9.47
N TYR A 73 11.22 -8.87 -8.82
CA TYR A 73 12.36 -9.43 -9.56
C TYR A 73 12.26 -10.95 -9.77
N GLY A 74 11.79 -11.68 -8.76
CA GLY A 74 11.68 -13.14 -8.89
C GLY A 74 11.55 -13.78 -7.53
N VAL A 75 11.82 -15.08 -7.47
CA VAL A 75 11.48 -15.91 -6.31
C VAL A 75 12.41 -17.11 -6.19
N CYS A 76 12.64 -17.59 -4.97
CA CYS A 76 13.39 -18.85 -4.79
C CYS A 76 12.52 -19.86 -4.10
N THR A 77 11.71 -20.58 -4.87
CA THR A 77 10.86 -21.62 -4.31
C THR A 77 11.49 -22.98 -4.51
N LYS A 78 12.77 -23.00 -4.87
CA LYS A 78 13.46 -24.25 -5.19
C LYS A 78 13.50 -25.17 -3.96
N GLU A 79 13.73 -24.59 -2.79
CA GLU A 79 13.55 -25.27 -1.50
C GLU A 79 13.53 -24.19 -0.39
N PRO A 80 13.38 -24.57 0.90
CA PRO A 80 13.13 -23.53 1.92
C PRO A 80 14.34 -22.91 2.61
N PRO A 81 14.20 -21.66 3.12
CA PRO A 81 12.99 -20.84 3.15
C PRO A 81 12.68 -20.18 1.82
N ILE A 82 11.40 -19.97 1.55
CA ILE A 82 10.99 -19.38 0.29
C ILE A 82 11.36 -17.91 0.30
N TYR A 83 11.87 -17.42 -0.84
CA TYR A 83 12.16 -16.00 -1.04
C TYR A 83 11.27 -15.36 -2.06
N ILE A 84 10.88 -14.13 -1.80
CA ILE A 84 10.24 -13.26 -2.79
C ILE A 84 11.09 -12.01 -2.93
N ILE A 85 11.74 -11.92 -4.09
CA ILE A 85 12.70 -10.88 -4.38
C ILE A 85 12.07 -9.75 -5.16
N THR A 86 12.40 -8.53 -4.74
CA THR A 86 11.78 -7.30 -5.26
C THR A 86 12.68 -6.07 -5.16
N GLU A 87 12.30 -5.01 -5.86
CA GLU A 87 13.11 -3.82 -5.84
C GLU A 87 13.20 -3.21 -4.45
N TYR A 88 14.40 -2.75 -4.10
CA TYR A 88 14.68 -2.19 -2.80
C TYR A 88 14.33 -0.71 -2.79
N MET A 89 13.59 -0.28 -1.79
CA MET A 89 13.18 1.12 -1.66
C MET A 89 13.89 1.83 -0.54
N SER A 90 14.66 2.84 -0.90
CA SER A 90 15.66 3.39 0.00
C SER A 90 15.12 4.19 1.19
N HIS A 91 13.81 4.43 1.27
CA HIS A 91 13.26 5.18 2.42
C HIS A 91 12.10 4.45 3.18
N GLY A 92 11.88 3.18 2.86
CA GLY A 92 10.97 2.36 3.63
C GLY A 92 9.53 2.79 3.53
N SER A 93 8.70 2.44 4.50
CA SER A 93 7.28 2.78 4.38
C SER A 93 7.08 4.29 4.33
N LEU A 94 6.05 4.68 3.58
CA LEU A 94 5.61 6.05 3.48
C LEU A 94 5.30 6.62 4.88
N LEU A 95 4.64 5.78 5.68
CA LEU A 95 4.34 6.08 7.08
C LEU A 95 5.57 6.56 7.83
N ASP A 96 6.64 5.76 7.75
CA ASP A 96 7.90 6.14 8.38
C ASP A 96 8.45 7.41 7.78
N TYR A 97 8.51 7.44 6.46
CA TYR A 97 9.11 8.58 5.78
C TYR A 97 8.45 9.86 6.25
N LEU A 98 7.12 9.88 6.26
CA LEU A 98 6.39 11.04 6.74
C LEU A 98 6.68 11.41 8.18
N ARG A 99 6.98 10.41 9.00
CA ARG A 99 7.20 10.64 10.42
C ARG A 99 8.62 11.03 10.71
N ASP A 100 9.59 10.45 9.99
CA ASP A 100 11.04 10.66 10.22
C ASP A 100 11.78 11.24 9.01
N CYS A 101 12.52 10.36 8.30
CA CYS A 101 13.51 10.77 7.30
C CYS A 101 12.99 11.86 6.36
N GLU A 102 13.52 13.08 6.52
CA GLU A 102 13.22 14.20 5.59
C GLU A 102 11.73 14.56 5.47
N GLY A 103 10.90 13.56 5.17
CA GLY A 103 9.46 13.70 4.95
C GLY A 103 8.66 14.41 6.02
N HIS A 104 9.20 14.49 7.25
CA HIS A 104 8.54 15.23 8.34
C HIS A 104 8.50 16.76 8.12
N THR A 105 9.54 17.25 7.44
CA THR A 105 9.85 18.68 7.39
C THR A 105 9.49 19.34 6.04
N VAL A 106 8.68 18.65 5.22
CA VAL A 106 8.36 19.10 3.86
C VAL A 106 7.01 19.83 3.71
N ASN A 107 6.74 20.31 2.49
CA ASN A 107 5.63 21.23 2.22
C ASN A 107 4.43 20.54 1.57
N ALA A 108 3.35 21.28 1.36
CA ALA A 108 2.09 20.72 0.85
C ALA A 108 2.15 20.28 -0.62
N GLN A 109 2.97 20.95 -1.42
CA GLN A 109 3.17 20.48 -2.79
C GLN A 109 3.90 19.11 -2.79
N ALA A 110 4.78 18.88 -1.83
CA ALA A 110 5.46 17.59 -1.76
C ALA A 110 4.43 16.52 -1.45
N LEU A 111 3.59 16.82 -0.46
CA LEU A 111 2.59 15.86 -0.02
C LEU A 111 1.65 15.50 -1.15
N LEU A 112 1.16 16.52 -1.85
CA LEU A 112 0.28 16.35 -3.02
C LEU A 112 0.87 15.46 -4.07
N ASP A 113 2.07 15.77 -4.55
CA ASP A 113 2.57 15.02 -5.68
C ASP A 113 2.85 13.58 -5.26
N MET A 114 3.18 13.34 -4.00
CA MET A 114 3.37 11.94 -3.55
C MET A 114 2.05 11.20 -3.36
N ALA A 115 1.00 11.96 -3.05
CA ALA A 115 -0.36 11.43 -3.13
C ALA A 115 -0.84 11.15 -4.54
N ALA A 116 -0.38 11.91 -5.53
CA ALA A 116 -0.77 11.58 -6.91
C ALA A 116 -0.15 10.28 -7.38
N GLN A 117 1.07 9.99 -6.96
CA GLN A 117 1.69 8.76 -7.43
C GLN A 117 0.92 7.55 -6.96
N VAL A 118 0.45 7.59 -5.73
CA VAL A 118 -0.37 6.50 -5.23
C VAL A 118 -1.61 6.38 -6.10
N ALA A 119 -2.34 7.48 -6.25
CA ALA A 119 -3.46 7.53 -7.21
C ALA A 119 -3.09 6.91 -8.55
N SER A 120 -1.95 7.29 -9.09
CA SER A 120 -1.56 6.82 -10.42
C SER A 120 -1.49 5.31 -10.46
N GLY A 121 -0.84 4.75 -9.45
CA GLY A 121 -0.70 3.30 -9.34
C GLY A 121 -2.04 2.65 -9.15
N MET A 122 -2.91 3.28 -8.37
CA MET A 122 -4.21 2.68 -8.10
C MET A 122 -5.07 2.67 -9.34
N ALA A 123 -5.06 3.81 -10.04
CA ALA A 123 -5.79 3.92 -11.30
C ALA A 123 -5.41 2.84 -12.32
N TYR A 124 -4.13 2.47 -12.33
CA TYR A 124 -3.71 1.37 -13.16
C TYR A 124 -4.31 0.08 -12.68
N LEU A 125 -4.32 -0.14 -11.37
CA LEU A 125 -4.94 -1.35 -10.84
C LEU A 125 -6.41 -1.45 -11.20
N GLU A 126 -7.09 -0.31 -11.07
CA GLU A 126 -8.49 -0.18 -11.45
C GLU A 126 -8.66 -0.69 -12.87
N SER A 127 -7.97 -0.04 -13.80
CA SER A 127 -8.18 -0.30 -15.20
C SER A 127 -7.76 -1.70 -15.62
N GLN A 128 -7.11 -2.44 -14.73
CA GLN A 128 -6.74 -3.81 -15.00
C GLN A 128 -7.58 -4.78 -14.18
N ASN A 129 -8.66 -4.25 -13.58
CA ASN A 129 -9.66 -5.01 -12.83
C ASN A 129 -9.14 -5.59 -11.55
N PHE A 130 -8.24 -4.88 -10.86
CA PHE A 130 -7.64 -5.42 -9.64
C PHE A 130 -8.21 -4.74 -8.40
N ILE A 131 -8.25 -5.50 -7.31
CA ILE A 131 -8.62 -4.96 -6.02
C ILE A 131 -7.48 -5.27 -5.11
N HIS A 132 -7.01 -4.24 -4.42
CA HIS A 132 -5.83 -4.37 -3.58
C HIS A 132 -6.24 -4.93 -2.23
N ARG A 133 -7.20 -4.23 -1.62
CA ARG A 133 -7.83 -4.65 -0.38
C ARG A 133 -7.03 -4.21 0.84
N ASP A 134 -5.72 -4.01 0.72
CA ASP A 134 -4.94 -3.61 1.90
C ASP A 134 -4.19 -2.28 1.73
N LEU A 135 -4.87 -1.28 1.21
CA LEU A 135 -4.22 -0.03 0.90
C LEU A 135 -4.06 0.83 2.12
N ALA A 136 -2.85 1.10 2.56
CA ALA A 136 -2.59 2.26 3.46
C ALA A 136 -1.14 2.75 3.42
N ALA A 137 -0.87 3.89 4.03
CA ALA A 137 0.50 4.41 4.13
C ALA A 137 1.54 3.38 4.60
N ARG A 138 1.25 2.54 5.59
CA ARG A 138 2.27 1.53 5.95
C ARG A 138 2.64 0.61 4.77
N ASN A 139 1.70 0.39 3.85
CA ASN A 139 1.93 -0.48 2.69
C ASN A 139 2.37 0.23 1.40
N CYS A 140 2.80 1.47 1.52
CA CYS A 140 3.38 2.21 0.40
C CYS A 140 4.84 2.46 0.68
N LEU A 141 5.65 2.41 -0.37
CA LEU A 141 7.09 2.57 -0.19
C LEU A 141 7.65 3.79 -0.89
N VAL A 142 8.87 4.15 -0.51
CA VAL A 142 9.56 5.32 -1.03
C VAL A 142 10.99 4.98 -1.44
N GLY A 143 11.39 5.46 -2.62
CA GLY A 143 12.76 5.27 -3.12
C GLY A 143 13.51 6.59 -3.28
N GLU A 144 14.29 6.72 -4.34
CA GLU A 144 14.99 7.98 -4.53
C GLU A 144 14.17 9.00 -5.33
N ASN A 145 14.57 10.26 -5.14
CA ASN A 145 13.84 11.47 -5.55
C ASN A 145 12.34 11.39 -5.29
N ASN A 146 12.01 10.64 -4.26
CA ASN A 146 10.65 10.59 -3.76
C ASN A 146 9.70 10.13 -4.77
N VAL A 147 10.09 9.09 -5.49
CA VAL A 147 9.11 8.29 -6.16
C VAL A 147 8.38 7.56 -5.04
N VAL A 148 7.07 7.46 -5.15
CA VAL A 148 6.31 6.65 -4.23
C VAL A 148 5.72 5.49 -4.95
N LYS A 149 5.83 4.30 -4.41
CA LYS A 149 5.19 3.15 -5.00
C LYS A 149 4.29 2.44 -4.00
N VAL A 150 3.37 1.66 -4.56
CA VAL A 150 2.38 0.85 -3.85
C VAL A 150 2.87 -0.59 -3.75
N ALA A 151 2.72 -1.19 -2.58
CA ALA A 151 3.29 -2.51 -2.32
C ALA A 151 2.28 -3.40 -1.59
N ASP A 152 2.67 -4.64 -1.28
CA ASP A 152 1.82 -5.61 -0.59
C ASP A 152 0.55 -6.02 -1.34
N PHE A 153 0.70 -7.01 -2.21
CA PHE A 153 -0.41 -7.54 -2.98
C PHE A 153 -0.82 -8.89 -2.44
N GLY A 154 -0.68 -9.04 -1.13
CA GLY A 154 -1.00 -10.29 -0.46
C GLY A 154 -2.46 -10.59 -0.60
N LEU A 155 -3.31 -9.59 -0.42
CA LEU A 155 -4.74 -9.81 -0.47
C LEU A 155 -5.32 -9.23 -1.73
N ALA A 156 -4.77 -9.58 -2.86
CA ALA A 156 -5.14 -8.88 -4.06
C ALA A 156 -5.86 -9.86 -4.97
N ARG A 157 -6.81 -9.35 -5.78
CA ARG A 157 -7.66 -10.20 -6.63
C ARG A 157 -7.95 -9.59 -7.99
N LEU A 158 -8.54 -10.39 -8.87
CA LEU A 158 -8.99 -9.96 -10.20
C LEU A 158 -10.53 -9.94 -10.37
N ILE A 159 -11.03 -9.42 -11.49
CA ILE A 159 -12.48 -9.41 -11.78
C ILE A 159 -12.76 -9.74 -13.25
N ALA A 170 -11.53 -14.22 5.48
CA ALA A 170 -10.80 -12.97 5.29
C ALA A 170 -10.89 -12.00 6.52
N LYS A 171 -9.73 -11.56 7.01
CA LYS A 171 -9.63 -10.65 8.16
C LYS A 171 -9.22 -9.24 7.74
N PHE A 172 -9.21 -8.29 8.67
CA PHE A 172 -8.89 -6.88 8.26
C PHE A 172 -8.74 -5.80 9.35
N PRO A 173 -8.21 -4.59 8.97
CA PRO A 173 -8.01 -3.45 9.86
C PRO A 173 -9.09 -2.38 9.76
N ILE A 174 -9.71 -2.13 10.88
CA ILE A 174 -11.00 -1.50 10.87
C ILE A 174 -10.95 -0.15 10.22
N LYS A 175 -9.90 0.59 10.54
CA LYS A 175 -9.93 2.03 10.31
C LYS A 175 -9.74 2.43 8.81
N TRP A 176 -9.27 1.49 8.00
CA TRP A 176 -9.07 1.69 6.57
C TRP A 176 -10.15 0.98 5.79
N THR A 177 -11.13 0.45 6.50
CA THR A 177 -12.12 -0.37 5.83
C THR A 177 -13.46 0.29 5.80
N ALA A 178 -14.07 0.15 4.64
CA ALA A 178 -15.23 0.90 4.31
C ALA A 178 -16.41 0.25 4.98
N PRO A 179 -17.42 1.03 5.34
CA PRO A 179 -18.52 0.50 6.10
C PRO A 179 -19.23 -0.65 5.42
N GLU A 180 -19.37 -0.63 4.11
CA GLU A 180 -20.01 -1.77 3.45
C GLU A 180 -19.15 -3.04 3.55
N ALA A 181 -17.84 -2.86 3.60
CA ALA A 181 -16.93 -3.99 3.67
C ALA A 181 -16.97 -4.59 5.04
N ILE A 182 -17.04 -3.73 6.05
CA ILE A 182 -17.19 -4.18 7.45
C ILE A 182 -18.51 -4.94 7.73
N SER A 183 -19.62 -4.34 7.34
CA SER A 183 -20.92 -4.93 7.55
C SER A 183 -21.22 -6.15 6.65
N TYR A 184 -20.79 -6.17 5.39
CA TYR A 184 -21.23 -7.26 4.49
C TYR A 184 -20.13 -8.00 3.72
N ASN A 185 -18.87 -7.56 3.88
CA ASN A 185 -17.75 -8.02 3.06
C ASN A 185 -18.01 -7.79 1.61
N ARG A 186 -18.73 -6.74 1.28
CA ARG A 186 -18.80 -6.31 -0.10
C ARG A 186 -17.53 -5.46 -0.19
N PHE A 187 -16.47 -6.07 -0.76
CA PHE A 187 -15.20 -5.40 -1.10
C PHE A 187 -15.12 -5.15 -2.60
N SER A 188 -14.59 -4.01 -2.99
CA SER A 188 -14.43 -3.65 -4.39
C SER A 188 -13.45 -2.49 -4.56
N ILE A 189 -13.20 -2.14 -5.81
CA ILE A 189 -12.39 -0.98 -6.10
C ILE A 189 -12.88 0.25 -5.36
N LYS A 190 -14.17 0.29 -5.07
CA LYS A 190 -14.71 1.46 -4.36
C LYS A 190 -14.39 1.43 -2.88
N SER A 191 -14.21 0.24 -2.32
CA SER A 191 -13.67 0.10 -0.96
C SER A 191 -12.22 0.52 -0.87
N ASP A 192 -11.44 0.16 -1.90
CA ASP A 192 -10.08 0.73 -2.11
C ASP A 192 -10.05 2.28 -2.17
N VAL A 193 -11.04 2.90 -2.80
CA VAL A 193 -11.10 4.35 -2.76
C VAL A 193 -11.32 4.85 -1.36
N TRP A 194 -12.18 4.19 -0.59
CA TRP A 194 -12.37 4.56 0.80
C TRP A 194 -11.02 4.65 1.47
N ALA A 195 -10.19 3.65 1.24
CA ALA A 195 -8.89 3.57 1.92
C ALA A 195 -7.99 4.73 1.49
N PHE A 196 -7.95 4.99 0.19
CA PHE A 196 -7.23 6.15 -0.31
C PHE A 196 -7.62 7.38 0.48
N GLY A 197 -8.90 7.53 0.71
CA GLY A 197 -9.38 8.60 1.59
C GLY A 197 -8.63 8.64 2.93
N ILE A 198 -8.44 7.47 3.52
CA ILE A 198 -7.83 7.42 4.81
C ILE A 198 -6.35 7.75 4.64
N LEU A 199 -5.71 7.03 3.73
CA LEU A 199 -4.35 7.37 3.30
C LEU A 199 -4.16 8.89 3.23
N LEU A 200 -5.00 9.57 2.46
CA LEU A 200 -4.86 11.00 2.34
C LEU A 200 -4.78 11.71 3.67
N TRP A 201 -5.62 11.28 4.60
CA TRP A 201 -5.60 11.86 5.94
C TRP A 201 -4.20 11.65 6.50
N GLU A 202 -3.70 10.42 6.42
CA GLU A 202 -2.40 10.06 6.95
C GLU A 202 -1.29 10.95 6.35
N ILE A 203 -1.28 11.08 5.02
CA ILE A 203 -0.30 11.95 4.37
C ILE A 203 -0.37 13.34 4.95
N PHE A 204 -1.51 13.99 4.80
CA PHE A 204 -1.59 15.39 5.21
C PHE A 204 -1.49 15.67 6.72
N THR A 205 -1.31 14.63 7.53
CA THR A 205 -1.06 14.81 8.96
C THR A 205 0.29 14.24 9.29
N TYR A 206 1.19 14.29 8.33
CA TYR A 206 2.54 13.82 8.49
C TYR A 206 2.57 12.53 9.32
N GLY A 207 1.72 11.60 8.89
CA GLY A 207 1.76 10.22 9.36
C GLY A 207 1.02 9.89 10.64
N GLN A 208 0.00 10.67 10.99
CA GLN A 208 -0.79 10.42 12.20
C GLN A 208 -1.71 9.23 12.10
N VAL A 209 -2.09 8.71 13.26
CA VAL A 209 -2.97 7.55 13.33
C VAL A 209 -4.39 8.06 13.29
N PRO A 210 -5.20 7.51 12.40
CA PRO A 210 -6.58 7.92 12.21
C PRO A 210 -7.55 7.58 13.36
N TYR A 211 -8.67 8.31 13.37
CA TYR A 211 -9.66 8.26 14.44
C TYR A 211 -8.89 8.20 15.75
N PRO A 212 -8.19 9.28 16.09
CA PRO A 212 -7.43 9.25 17.33
C PRO A 212 -8.30 8.79 18.51
N GLY A 213 -7.80 7.84 19.28
CA GLY A 213 -8.42 7.49 20.57
C GLY A 213 -9.56 6.48 20.55
N MET A 214 -10.22 6.33 19.42
CA MET A 214 -11.43 5.56 19.38
C MET A 214 -11.13 4.11 19.29
N SER A 215 -12.01 3.31 19.88
CA SER A 215 -11.73 1.92 20.15
C SER A 215 -11.54 1.07 18.91
N GLY A 216 -12.24 1.43 17.85
CA GLY A 216 -12.30 0.52 16.72
C GLY A 216 -13.63 -0.20 16.75
N SER A 217 -14.14 -0.43 17.96
CA SER A 217 -15.57 -0.72 18.12
C SER A 217 -16.36 0.57 18.00
N GLU A 218 -15.79 1.69 18.43
CA GLU A 218 -16.49 2.97 18.35
C GLU A 218 -16.61 3.38 16.90
N VAL A 219 -15.63 2.92 16.11
CA VAL A 219 -15.44 3.42 14.78
C VAL A 219 -16.40 2.73 13.84
N ILE A 220 -16.44 1.40 13.89
CA ILE A 220 -17.53 0.65 13.25
C ILE A 220 -18.85 1.36 13.53
N GLU A 221 -19.14 1.71 14.78
CA GLU A 221 -20.43 2.27 15.11
C GLU A 221 -20.58 3.64 14.47
N GLN A 222 -19.64 4.52 14.78
CA GLN A 222 -19.73 5.90 14.34
C GLN A 222 -19.80 6.09 12.82
N VAL A 223 -18.98 5.33 12.06
CA VAL A 223 -18.86 5.54 10.61
C VAL A 223 -19.95 4.90 9.78
N GLU A 224 -20.54 3.84 10.31
CA GLU A 224 -21.71 3.20 9.69
C GLU A 224 -22.92 4.09 9.90
N ARG A 225 -22.89 4.87 10.98
CA ARG A 225 -23.92 5.85 11.31
C ARG A 225 -23.64 7.23 10.76
N GLY A 226 -22.66 7.36 9.88
CA GLY A 226 -22.50 8.60 9.14
C GLY A 226 -21.32 9.49 9.46
N TYR A 227 -20.62 9.20 10.56
CA TYR A 227 -19.53 10.06 11.07
C TYR A 227 -18.31 10.04 10.17
N ARG A 228 -17.61 11.16 10.09
CA ARG A 228 -16.34 11.18 9.37
C ARG A 228 -15.39 12.09 10.10
N MET A 229 -14.10 11.78 10.04
CA MET A 229 -13.09 12.58 10.75
C MET A 229 -13.09 14.03 10.32
N PRO A 230 -12.92 14.93 11.27
CA PRO A 230 -12.89 16.34 10.87
C PRO A 230 -11.60 16.67 10.10
N ARG A 231 -11.64 17.78 9.37
CA ARG A 231 -10.46 18.28 8.70
C ARG A 231 -9.42 18.53 9.74
N PRO A 232 -8.18 18.11 9.50
CA PRO A 232 -7.10 18.43 10.44
C PRO A 232 -6.36 19.71 10.02
N GLN A 233 -5.96 20.57 10.98
CA GLN A 233 -5.37 21.86 10.58
C GLN A 233 -3.97 21.66 10.01
N GLY A 234 -3.76 22.28 8.85
CA GLY A 234 -2.62 22.03 7.99
C GLY A 234 -3.10 21.73 6.58
N CYS A 235 -4.30 21.16 6.48
CA CYS A 235 -4.72 20.55 5.24
C CYS A 235 -5.62 21.45 4.37
N PRO A 236 -5.15 21.79 3.15
CA PRO A 236 -5.93 22.43 2.10
C PRO A 236 -7.39 21.99 2.00
N GLU A 237 -8.28 22.95 2.18
CA GLU A 237 -9.72 22.75 2.03
C GLU A 237 -9.97 21.84 0.84
N GLU A 238 -9.37 22.21 -0.29
CA GLU A 238 -9.45 21.41 -1.51
C GLU A 238 -9.33 19.90 -1.23
N ILE A 239 -8.26 19.51 -0.54
CA ILE A 239 -8.00 18.09 -0.31
C ILE A 239 -9.00 17.47 0.62
N TYR A 240 -9.38 18.21 1.65
CA TYR A 240 -10.39 17.68 2.57
C TYR A 240 -11.70 17.49 1.82
N GLU A 241 -12.04 18.41 0.93
CA GLU A 241 -13.23 18.22 0.16
C GLU A 241 -13.15 16.88 -0.56
N LEU A 242 -11.95 16.49 -0.98
CA LEU A 242 -11.77 15.23 -1.71
C LEU A 242 -11.81 14.00 -0.82
N MET A 243 -11.32 14.12 0.41
CA MET A 243 -11.43 13.01 1.34
C MET A 243 -12.89 12.62 1.49
N LEU A 244 -13.70 13.60 1.83
CA LEU A 244 -15.13 13.36 2.01
C LEU A 244 -15.73 12.68 0.81
N GLN A 245 -15.35 13.11 -0.40
CA GLN A 245 -15.82 12.38 -1.58
C GLN A 245 -15.53 10.88 -1.52
N CYS A 246 -14.33 10.52 -1.08
CA CYS A 246 -13.97 9.10 -0.96
C CYS A 246 -14.73 8.44 0.18
N TRP A 247 -15.15 9.21 1.19
CA TRP A 247 -15.95 8.64 2.30
C TRP A 247 -17.49 8.70 2.14
N ASN A 248 -17.95 8.59 0.90
CA ASN A 248 -19.35 8.70 0.59
C ASN A 248 -20.05 7.47 1.12
N LYS A 249 -21.15 7.66 1.85
CA LYS A 249 -21.85 6.53 2.47
C LYS A 249 -21.92 5.37 1.50
N SER A 250 -22.30 5.69 0.26
CA SER A 250 -22.60 4.68 -0.74
C SER A 250 -21.42 4.46 -1.69
N PRO A 251 -21.03 3.20 -1.89
CA PRO A 251 -19.88 2.90 -2.71
C PRO A 251 -19.89 3.67 -4.00
N GLU A 252 -20.98 3.50 -4.72
CA GLU A 252 -21.05 3.82 -6.13
C GLU A 252 -21.17 5.29 -6.41
N GLU A 253 -21.13 6.14 -5.39
CA GLU A 253 -21.00 7.58 -5.62
C GLU A 253 -19.64 8.11 -5.16
N ARG A 254 -18.64 7.22 -5.07
CA ARG A 254 -17.27 7.64 -4.80
C ARG A 254 -16.55 7.69 -6.14
N PRO A 255 -15.60 8.61 -6.30
CA PRO A 255 -14.86 8.74 -7.56
C PRO A 255 -14.15 7.48 -8.00
N THR A 256 -13.88 7.38 -9.30
CA THR A 256 -12.97 6.37 -9.81
C THR A 256 -11.60 6.83 -9.42
N PHE A 257 -10.63 5.96 -9.55
CA PHE A 257 -9.26 6.39 -9.31
C PHE A 257 -8.85 7.37 -10.40
N ALA A 258 -9.27 7.08 -11.62
CA ALA A 258 -9.18 8.04 -12.72
C ALA A 258 -9.52 9.49 -12.31
N GLU A 259 -10.75 9.67 -11.84
CA GLU A 259 -11.23 10.98 -11.50
C GLU A 259 -10.40 11.53 -10.35
N THR A 260 -10.12 10.66 -9.38
CA THR A 260 -9.37 11.06 -8.20
C THR A 260 -8.07 11.70 -8.64
N LEU A 261 -7.32 10.93 -9.42
CA LEU A 261 -6.07 11.36 -9.97
C LEU A 261 -6.18 12.70 -10.63
N HIS A 262 -7.16 12.83 -11.52
CA HIS A 262 -7.30 14.06 -12.27
C HIS A 262 -7.42 15.24 -11.32
N ALA A 263 -8.26 15.07 -10.31
CA ALA A 263 -8.46 16.10 -9.30
C ALA A 263 -7.13 16.60 -8.80
N LEU A 264 -6.30 15.67 -8.32
CA LEU A 264 -5.01 16.02 -7.70
C LEU A 264 -4.09 16.83 -8.62
N GLU A 265 -4.17 16.57 -9.92
CA GLU A 265 -3.33 17.24 -10.87
C GLU A 265 -3.76 18.69 -11.14
N THR A 266 -5.04 18.99 -10.99
CA THR A 266 -5.49 20.38 -10.78
C THR A 266 -4.80 21.00 -9.51
N MET A 267 -5.36 22.07 -8.94
CA MET A 267 -4.99 22.50 -7.56
C MET A 267 -3.64 23.22 -7.36
N PHE A 268 -3.66 24.33 -6.63
CA PHE A 268 -2.42 25.00 -6.18
C PHE A 268 -1.79 24.21 -5.04
PG ACP B . 2.95 -5.03 8.62
O1G ACP B . 1.65 -4.94 9.55
O2G ACP B . 3.34 -3.52 8.23
O3G ACP B . 2.58 -5.83 7.42
PB ACP B . 5.93 -5.16 9.15
O1B ACP B . 5.80 -3.76 8.68
O2B ACP B . 6.87 -5.19 10.45
C3B ACP B . 4.28 -5.82 9.58
PA ACP B . 6.46 -5.82 6.39
O1A ACP B . 7.32 -6.82 5.66
O2A ACP B . 5.03 -5.73 5.92
O3A ACP B . 6.55 -6.12 7.98
O5' ACP B . 7.19 -4.41 6.32
C5' ACP B . 8.52 -4.36 6.82
C4' ACP B . 9.13 -2.96 6.72
O4' ACP B . 10.44 -3.11 6.19
C3' ACP B . 8.38 -1.99 5.82
O3' ACP B . 7.41 -1.17 6.49
C2' ACP B . 9.52 -1.20 5.20
O2' ACP B . 10.03 -0.11 5.98
C1' ACP B . 10.60 -2.25 5.06
N9 ACP B . 10.36 -2.89 3.74
C8 ACP B . 9.44 -3.81 3.37
N7 ACP B . 9.55 -4.10 2.04
C5 ACP B . 10.53 -3.34 1.52
C6 ACP B . 11.18 -3.13 0.20
N6 ACP B . 10.82 -3.78 -0.94
N1 ACP B . 12.16 -2.24 0.14
C2 ACP B . 12.58 -1.55 1.22
N3 ACP B . 12.06 -1.68 2.43
C4 ACP B . 11.04 -2.54 2.64
#